data_6DQT
#
_entry.id   6DQT
#
_cell.length_a   49.522
_cell.length_b   90.953
_cell.length_c   108.860
_cell.angle_alpha   90.000
_cell.angle_beta   90.000
_cell.angle_gamma   90.000
#
_symmetry.space_group_name_H-M   'P 21 21 21'
#
loop_
_entity.id
_entity.type
_entity.pdbx_description
1 polymer 'Periplasmic oligopeptide-binding protein'
2 polymer LEU-GLY-GLY
3 non-polymer 'ACETATE ION'
4 non-polymer 'SULFATE ION'
5 water water
#
loop_
_entity_poly.entity_id
_entity_poly.type
_entity_poly.pdbx_seq_one_letter_code
_entity_poly.pdbx_strand_id
1 'polypeptide(L)'
;MVIVPEGTQLDEKQHIVINNGAEPQSFDPHKTEGVPESNVAYQLLEGLVTSDSEGKLQPGAAESWENTPDFKTWTFHLRK
DAKWSNGDPVTAHDFVFAWRRLVDPATAAPYASYLSYLQVENAQDIIDGKKKPAELGVEAKDDYTFVVHATNPVPYAVSL
TTHQSLLPLPQKVVEKLGDAWVKKENYVGNGAYKLANHIINEKIEFERNPLYWNDKETVINSATFLAIENPSTDVARYRA
GDLDMTSYGLPPEQFAKLKKELLGEVYVTRTLGTYSYELNNKKAPFDNVNIRKALNLSLDRNVITDKVLGQGQTPTYVFT
PTYIEEGHLIQQPAYSKEPMAQRNEEAIKLLEEAGYSKANPLKFSILYNTNENHKKVAIAAASMWKANTKGLIDVKLENQ
EWKTYIDSRRAGRYDVARAGWHADYNQATTFGNYFLSNSSNNTAKYANPEYDKAMAESYAATDAEGRAKAYAKAEEILGK
DYGIVPIFNYVNPRLVKPYVKGYSGKDPQDHIYLRNLYIIKHLEHHHHHH
;
A
2 'polypeptide(L)' LGG B
#
loop_
_chem_comp.id
_chem_comp.type
_chem_comp.name
_chem_comp.formula
ACT non-polymer 'ACETATE ION' 'C2 H3 O2 -1'
SO4 non-polymer 'SULFATE ION' 'O4 S -2'
#
# COMPACT_ATOMS: atom_id res chain seq x y z
N VAL A 2 2.28 -27.19 -12.83
CA VAL A 2 0.92 -26.88 -12.22
C VAL A 2 0.46 -25.49 -12.71
N ILE A 3 1.28 -24.45 -12.48
CA ILE A 3 0.98 -23.07 -12.96
C ILE A 3 1.17 -22.98 -14.48
N VAL A 4 1.95 -23.91 -15.06
CA VAL A 4 2.30 -23.93 -16.50
C VAL A 4 1.28 -24.79 -17.26
N PRO A 5 0.56 -24.25 -18.28
CA PRO A 5 -0.33 -25.09 -19.11
C PRO A 5 0.46 -26.22 -19.77
N GLU A 6 -0.14 -27.41 -19.89
CA GLU A 6 0.51 -28.56 -20.54
C GLU A 6 0.86 -28.19 -22.00
N GLY A 7 2.05 -28.64 -22.43
CA GLY A 7 2.52 -28.43 -23.79
C GLY A 7 3.07 -27.02 -24.02
N THR A 8 3.25 -26.24 -22.95
CA THR A 8 3.89 -24.91 -23.04
C THR A 8 5.41 -25.12 -22.98
N GLN A 9 6.13 -24.61 -23.98
CA GLN A 9 7.55 -24.68 -23.95
C GLN A 9 8.06 -23.52 -23.07
N LEU A 10 8.53 -23.90 -21.87
CA LEU A 10 9.25 -23.04 -20.97
C LEU A 10 10.64 -22.73 -21.53
N ASP A 11 11.14 -21.52 -21.31
CA ASP A 11 12.56 -21.17 -21.54
C ASP A 11 13.41 -21.90 -20.49
N GLU A 12 14.69 -22.08 -20.83
CA GLU A 12 15.60 -22.88 -20.03
C GLU A 12 16.07 -22.10 -18.80
N LYS A 13 16.28 -20.79 -18.91
CA LYS A 13 17.04 -20.06 -17.88
C LYS A 13 16.15 -19.68 -16.67
N GLN A 14 14.97 -19.14 -16.98
CA GLN A 14 13.94 -18.65 -16.03
C GLN A 14 14.51 -17.54 -15.17
N HIS A 15 14.88 -16.44 -15.83
CA HIS A 15 15.39 -15.24 -15.14
C HIS A 15 14.51 -14.08 -15.55
N ILE A 16 14.13 -13.21 -14.61
CA ILE A 16 13.31 -12.05 -14.90
C ILE A 16 13.88 -10.80 -14.20
N VAL A 17 13.73 -9.67 -14.88
CA VAL A 17 14.14 -8.33 -14.41
C VAL A 17 12.88 -7.46 -14.34
N ILE A 18 12.61 -6.95 -13.12
CA ILE A 18 11.42 -6.18 -12.82
C ILE A 18 11.84 -4.84 -12.21
N ASN A 19 11.20 -3.74 -12.63
CA ASN A 19 11.46 -2.46 -11.96
C ASN A 19 10.61 -2.42 -10.68
N ASN A 20 11.29 -2.24 -9.54
CA ASN A 20 10.62 -2.10 -8.23
C ASN A 20 10.46 -0.62 -7.86
N GLY A 21 11.05 0.27 -8.65
CA GLY A 21 10.70 1.69 -8.64
C GLY A 21 11.51 2.55 -7.66
N ALA A 22 12.10 1.94 -6.63
CA ALA A 22 12.78 2.69 -5.58
C ALA A 22 13.63 1.74 -4.73
N GLU A 23 14.63 2.31 -4.04
CA GLU A 23 15.38 1.64 -3.03
C GLU A 23 14.50 1.48 -1.79
N PRO A 24 14.27 0.25 -1.30
CA PRO A 24 13.43 0.04 -0.11
C PRO A 24 14.10 0.57 1.17
N GLN A 25 13.30 1.04 2.12
CA GLN A 25 13.79 1.49 3.41
C GLN A 25 14.48 0.33 4.12
N SER A 26 13.89 -0.87 4.04
CA SER A 26 14.33 -2.01 4.85
C SER A 26 13.69 -3.29 4.32
N PHE A 27 14.34 -4.42 4.59
CA PHE A 27 13.79 -5.72 4.26
C PHE A 27 13.11 -6.37 5.49
N ASP A 28 12.98 -5.62 6.59
CA ASP A 28 12.26 -6.07 7.78
C ASP A 28 10.82 -5.60 7.67
N PRO A 29 9.82 -6.50 7.61
CA PRO A 29 8.43 -6.11 7.37
C PRO A 29 7.81 -5.33 8.56
N HIS A 30 8.50 -5.31 9.70
CA HIS A 30 8.00 -4.52 10.82
C HIS A 30 8.50 -3.08 10.81
N LYS A 31 9.45 -2.74 9.93
CA LYS A 31 10.02 -1.41 9.90
C LYS A 31 9.54 -0.61 8.69
N THR A 32 8.63 -1.14 7.87
CA THR A 32 8.32 -0.51 6.59
C THR A 32 6.83 -0.36 6.41
N GLU A 33 6.47 0.41 5.38
CA GLU A 33 5.06 0.76 5.11
C GLU A 33 4.81 1.01 3.62
N GLY A 34 5.75 0.65 2.75
CA GLY A 34 5.64 1.00 1.31
C GLY A 34 5.55 -0.21 0.39
N VAL A 35 5.05 0.05 -0.83
CA VAL A 35 4.99 -0.96 -1.90
C VAL A 35 6.38 -1.51 -2.24
N PRO A 36 7.43 -0.68 -2.49
CA PRO A 36 8.76 -1.22 -2.79
C PRO A 36 9.25 -2.25 -1.76
N GLU A 37 9.02 -1.94 -0.47
CA GLU A 37 9.42 -2.80 0.63
C GLU A 37 8.62 -4.10 0.65
N SER A 38 7.30 -4.01 0.47
CA SER A 38 6.44 -5.18 0.53
C SER A 38 6.75 -6.09 -0.67
N ASN A 39 7.04 -5.52 -1.86
CA ASN A 39 7.42 -6.31 -3.07
C ASN A 39 8.60 -7.23 -2.75
N VAL A 40 9.53 -6.74 -1.91
CA VAL A 40 10.65 -7.51 -1.58
C VAL A 40 10.27 -8.58 -0.53
N ALA A 41 9.60 -8.13 0.57
CA ALA A 41 9.17 -9.01 1.66
C ALA A 41 8.41 -10.24 1.13
N TYR A 42 7.57 -10.03 0.12
CA TYR A 42 6.68 -11.08 -0.32
C TYR A 42 7.43 -12.19 -1.07
N GLN A 43 8.64 -11.91 -1.56
CA GLN A 43 9.46 -12.94 -2.20
C GLN A 43 10.18 -13.79 -1.14
N LEU A 44 10.48 -13.18 0.00
CA LEU A 44 11.40 -13.79 0.99
C LEU A 44 10.66 -14.50 2.12
N LEU A 45 9.41 -14.06 2.36
CA LEU A 45 8.58 -14.56 3.48
C LEU A 45 7.18 -14.89 2.96
N GLU A 46 6.45 -15.75 3.68
CA GLU A 46 5.08 -16.09 3.32
C GLU A 46 4.21 -16.21 4.58
N GLY A 47 3.07 -15.53 4.57
CA GLY A 47 2.20 -15.51 5.75
C GLY A 47 1.18 -16.64 5.71
N LEU A 48 0.16 -16.53 6.57
CA LEU A 48 -0.80 -17.58 6.76
C LEU A 48 -1.48 -17.92 5.44
N VAL A 49 -1.82 -16.87 4.69
CA VAL A 49 -2.54 -16.94 3.44
C VAL A 49 -1.83 -16.01 2.46
N THR A 50 -1.92 -16.33 1.17
CA THR A 50 -1.29 -15.56 0.12
C THR A 50 -2.27 -15.47 -1.07
N SER A 51 -1.82 -14.99 -2.23
CA SER A 51 -2.74 -14.81 -3.37
C SER A 51 -2.14 -15.28 -4.69
N ASP A 52 -3.02 -15.61 -5.64
CA ASP A 52 -2.61 -16.04 -6.97
C ASP A 52 -2.52 -14.81 -7.89
N SER A 53 -2.27 -15.05 -9.17
CA SER A 53 -2.04 -13.98 -10.17
C SER A 53 -3.21 -12.99 -10.25
N GLU A 54 -4.42 -13.46 -9.91
CA GLU A 54 -5.64 -12.68 -10.00
C GLU A 54 -6.05 -12.09 -8.65
N GLY A 55 -5.19 -12.19 -7.62
CA GLY A 55 -5.53 -11.65 -6.31
C GLY A 55 -6.48 -12.53 -5.49
N LYS A 56 -6.78 -13.74 -5.93
CA LYS A 56 -7.66 -14.62 -5.13
C LYS A 56 -6.81 -15.29 -4.05
N LEU A 57 -7.43 -15.53 -2.90
CA LEU A 57 -6.72 -16.04 -1.71
C LEU A 57 -6.42 -17.51 -1.90
N GLN A 58 -5.20 -17.93 -1.50
CA GLN A 58 -4.81 -19.33 -1.49
C GLN A 58 -4.01 -19.61 -0.23
N PRO A 59 -3.94 -20.89 0.18
CA PRO A 59 -3.15 -21.31 1.34
C PRO A 59 -1.67 -20.90 1.21
N GLY A 60 -1.14 -20.38 2.31
CA GLY A 60 0.26 -20.04 2.41
C GLY A 60 0.92 -20.94 3.41
N ALA A 61 1.41 -20.32 4.48
CA ALA A 61 2.01 -21.06 5.53
C ALA A 61 0.97 -21.94 6.26
N ALA A 62 -0.30 -21.49 6.26
CA ALA A 62 -1.45 -22.28 6.75
C ALA A 62 -2.08 -23.07 5.58
N GLU A 63 -2.24 -24.39 5.77
CA GLU A 63 -2.92 -25.23 4.80
C GLU A 63 -4.43 -25.19 5.03
N SER A 64 -4.87 -24.76 6.20
CA SER A 64 -6.30 -24.75 6.54
C SER A 64 -6.55 -23.73 7.66
N TRP A 65 -7.79 -23.26 7.72
CA TRP A 65 -8.19 -22.34 8.74
C TRP A 65 -9.71 -22.35 8.88
N GLU A 66 -10.19 -21.83 10.00
CA GLU A 66 -11.62 -21.68 10.28
C GLU A 66 -11.86 -20.55 11.29
N ASN A 67 -13.12 -20.14 11.41
CA ASN A 67 -13.55 -19.14 12.35
C ASN A 67 -14.74 -19.67 13.14
N THR A 68 -14.97 -19.11 14.32
CA THR A 68 -16.21 -19.28 15.05
C THR A 68 -17.30 -18.46 14.38
N PRO A 69 -18.61 -18.81 14.58
CA PRO A 69 -19.68 -18.14 13.85
C PRO A 69 -19.81 -16.67 14.23
N ASP A 70 -19.21 -16.24 15.36
CA ASP A 70 -19.26 -14.85 15.74
C ASP A 70 -18.12 -14.04 15.10
N PHE A 71 -17.27 -14.68 14.28
CA PHE A 71 -16.11 -14.05 13.59
C PHE A 71 -15.07 -13.46 14.55
N LYS A 72 -14.91 -14.05 15.75
CA LYS A 72 -14.00 -13.53 16.74
C LYS A 72 -12.81 -14.46 16.99
N THR A 73 -12.92 -15.74 16.63
CA THR A 73 -11.81 -16.66 16.86
C THR A 73 -11.42 -17.28 15.51
N TRP A 74 -10.12 -17.17 15.20
CA TRP A 74 -9.59 -17.59 13.93
C TRP A 74 -8.46 -18.58 14.20
N THR A 75 -8.62 -19.82 13.71
CA THR A 75 -7.66 -20.89 13.97
C THR A 75 -6.99 -21.27 12.65
N PHE A 76 -5.64 -21.29 12.67
CA PHE A 76 -4.85 -21.57 11.49
C PHE A 76 -4.06 -22.84 11.75
N HIS A 77 -4.10 -23.77 10.80
CA HIS A 77 -3.41 -25.02 10.84
C HIS A 77 -2.21 -24.95 9.90
N LEU A 78 -1.04 -25.04 10.49
CA LEU A 78 0.22 -24.81 9.76
C LEU A 78 0.75 -26.15 9.22
N ARG A 79 1.51 -26.08 8.13
CA ARG A 79 2.17 -27.25 7.49
C ARG A 79 3.23 -27.86 8.39
N LYS A 80 3.11 -29.17 8.64
CA LYS A 80 3.92 -29.85 9.65
C LYS A 80 5.38 -29.96 9.18
N ASP A 81 5.55 -30.02 7.87
CA ASP A 81 6.84 -30.25 7.20
C ASP A 81 7.54 -28.93 6.78
N ALA A 82 6.94 -27.75 6.97
CA ALA A 82 7.47 -26.50 6.39
C ALA A 82 8.68 -25.98 7.18
N LYS A 83 9.65 -25.43 6.44
CA LYS A 83 10.94 -25.06 6.99
C LYS A 83 11.30 -23.63 6.60
N TRP A 84 12.08 -22.99 7.47
CA TRP A 84 12.80 -21.79 7.15
C TRP A 84 13.95 -22.15 6.22
N SER A 85 14.53 -21.14 5.58
CA SER A 85 15.54 -21.34 4.56
C SER A 85 16.86 -21.92 5.14
N ASN A 86 17.03 -21.89 6.47
CA ASN A 86 18.19 -22.50 7.18
C ASN A 86 17.88 -23.92 7.68
N GLY A 87 16.66 -24.44 7.42
CA GLY A 87 16.24 -25.77 7.87
C GLY A 87 15.42 -25.79 9.16
N ASP A 88 15.39 -24.69 9.92
CA ASP A 88 14.52 -24.57 11.12
C ASP A 88 13.05 -24.87 10.73
N PRO A 89 12.25 -25.54 11.59
CA PRO A 89 10.81 -25.70 11.32
C PRO A 89 10.06 -24.36 11.47
N VAL A 90 9.09 -24.12 10.59
CA VAL A 90 8.16 -23.03 10.76
C VAL A 90 7.04 -23.47 11.70
N THR A 91 6.86 -22.75 12.81
CA THR A 91 5.86 -23.14 13.79
C THR A 91 5.00 -21.93 14.15
N ALA A 92 3.89 -22.23 14.84
CA ALA A 92 2.98 -21.23 15.35
C ALA A 92 3.72 -20.27 16.29
N HIS A 93 4.81 -20.74 16.92
CA HIS A 93 5.62 -19.87 17.76
C HIS A 93 6.23 -18.70 16.97
N ASP A 94 6.57 -18.92 15.69
CA ASP A 94 7.12 -17.88 14.83
C ASP A 94 6.06 -16.79 14.55
N PHE A 95 4.78 -17.18 14.39
CA PHE A 95 3.72 -16.23 14.20
C PHE A 95 3.42 -15.47 15.50
N VAL A 96 3.37 -16.15 16.65
CA VAL A 96 3.20 -15.50 17.96
C VAL A 96 4.30 -14.45 18.13
N PHE A 97 5.56 -14.89 17.93
CA PHE A 97 6.73 -14.03 18.06
C PHE A 97 6.59 -12.80 17.16
N ALA A 98 6.30 -13.01 15.88
CA ALA A 98 6.26 -11.90 14.90
C ALA A 98 5.12 -10.91 15.21
N TRP A 99 3.94 -11.43 15.54
CA TRP A 99 2.80 -10.55 15.79
C TRP A 99 2.98 -9.73 17.07
N ARG A 100 3.57 -10.33 18.11
CA ARG A 100 4.03 -9.59 19.32
C ARG A 100 5.03 -8.47 18.94
N ARG A 101 6.05 -8.82 18.13
CA ARG A 101 7.08 -7.87 17.77
C ARG A 101 6.45 -6.66 17.05
N LEU A 102 5.39 -6.89 16.26
CA LEU A 102 4.81 -5.84 15.44
C LEU A 102 4.18 -4.79 16.36
N VAL A 103 3.46 -5.23 17.41
CA VAL A 103 2.77 -4.29 18.32
C VAL A 103 3.70 -3.76 19.41
N ASP A 104 4.82 -4.43 19.65
CA ASP A 104 5.73 -4.08 20.74
C ASP A 104 6.21 -2.65 20.54
N PRO A 105 6.00 -1.70 21.49
CA PRO A 105 6.41 -0.31 21.27
C PRO A 105 7.91 -0.16 20.96
N ALA A 106 8.73 -1.10 21.43
CA ALA A 106 10.19 -1.04 21.21
C ALA A 106 10.55 -1.22 19.72
N THR A 107 9.69 -1.91 18.98
CA THR A 107 9.88 -2.10 17.51
C THR A 107 9.59 -0.81 16.77
N ALA A 108 8.67 0.03 17.28
CA ALA A 108 8.25 1.32 16.64
C ALA A 108 7.75 1.09 15.20
N ALA A 109 6.89 0.09 14.99
CA ALA A 109 6.54 -0.34 13.65
C ALA A 109 5.58 0.65 13.04
N PRO A 110 5.84 1.16 11.81
CA PRO A 110 4.85 1.99 11.12
C PRO A 110 3.46 1.32 11.02
N TYR A 111 3.42 -0.01 10.96
CA TYR A 111 2.12 -0.72 10.85
C TYR A 111 1.70 -1.39 12.16
N ALA A 112 2.18 -0.88 13.28
CA ALA A 112 1.80 -1.39 14.60
C ALA A 112 0.28 -1.53 14.69
N SER A 113 -0.45 -0.54 14.16
CA SER A 113 -1.90 -0.48 14.31
C SER A 113 -2.61 -1.63 13.60
N TYR A 114 -1.91 -2.35 12.71
CA TYR A 114 -2.61 -3.32 11.84
C TYR A 114 -3.33 -4.41 12.67
N LEU A 115 -2.73 -4.83 13.78
CA LEU A 115 -3.37 -5.81 14.70
C LEU A 115 -4.50 -5.20 15.54
N SER A 116 -4.52 -3.87 15.70
CA SER A 116 -5.66 -3.16 16.23
C SER A 116 -6.80 -3.13 15.21
N TYR A 117 -6.46 -3.04 13.91
CA TYR A 117 -7.48 -3.08 12.88
C TYR A 117 -8.15 -4.47 12.93
N LEU A 118 -7.34 -5.50 13.21
CA LEU A 118 -7.83 -6.89 13.25
C LEU A 118 -8.58 -7.19 14.56
N GLN A 119 -8.55 -6.21 15.48
CA GLN A 119 -9.31 -6.18 16.72
C GLN A 119 -8.75 -7.26 17.66
N VAL A 120 -7.45 -7.58 17.55
CA VAL A 120 -6.91 -8.64 18.35
C VAL A 120 -6.90 -8.17 19.81
N GLU A 121 -7.31 -9.08 20.71
CA GLU A 121 -7.38 -8.77 22.14
C GLU A 121 -6.06 -8.21 22.61
N ASN A 122 -6.14 -7.03 23.24
CA ASN A 122 -5.04 -6.29 23.88
C ASN A 122 -4.07 -5.64 22.87
N ALA A 123 -4.29 -5.76 21.56
CA ALA A 123 -3.32 -5.15 20.57
C ALA A 123 -3.16 -3.64 20.85
N GLN A 124 -4.28 -2.93 20.99
CA GLN A 124 -4.21 -1.47 21.17
C GLN A 124 -3.54 -1.13 22.51
N ASP A 125 -3.87 -1.89 23.58
CA ASP A 125 -3.25 -1.75 24.91
C ASP A 125 -1.73 -1.91 24.83
N ILE A 126 -1.26 -2.85 24.02
CA ILE A 126 0.17 -3.09 23.92
C ILE A 126 0.85 -1.93 23.19
N ILE A 127 0.23 -1.48 22.09
CA ILE A 127 0.76 -0.35 21.33
C ILE A 127 0.88 0.86 22.26
N ASP A 128 -0.13 1.05 23.12
CA ASP A 128 -0.25 2.21 24.00
C ASP A 128 0.59 2.07 25.27
N GLY A 129 1.33 0.97 25.43
CA GLY A 129 2.28 0.79 26.54
C GLY A 129 1.62 0.35 27.84
N LYS A 130 0.35 -0.06 27.77
CA LYS A 130 -0.44 -0.40 28.97
C LYS A 130 -0.32 -1.89 29.33
N LYS A 131 0.04 -2.73 28.36
CA LYS A 131 0.21 -4.18 28.57
C LYS A 131 1.47 -4.66 27.85
N LYS A 132 2.04 -5.75 28.35
CA LYS A 132 3.20 -6.35 27.75
C LYS A 132 2.81 -7.06 26.46
N PRO A 133 3.73 -7.11 25.46
CA PRO A 133 3.48 -7.82 24.20
C PRO A 133 3.04 -9.29 24.38
N ALA A 134 3.48 -9.93 25.47
CA ALA A 134 3.09 -11.36 25.75
C ALA A 134 1.60 -11.51 26.07
N GLU A 135 0.90 -10.41 26.32
CA GLU A 135 -0.54 -10.42 26.60
C GLU A 135 -1.40 -10.34 25.33
N LEU A 136 -0.77 -10.30 24.16
CA LEU A 136 -1.53 -10.24 22.94
C LEU A 136 -2.35 -11.51 22.80
N GLY A 137 -3.58 -11.37 22.34
CA GLY A 137 -4.50 -12.47 22.19
C GLY A 137 -4.23 -13.33 20.97
N VAL A 138 -3.01 -13.82 20.84
CA VAL A 138 -2.72 -14.87 19.89
C VAL A 138 -1.89 -15.93 20.59
N GLU A 139 -2.03 -17.17 20.16
CA GLU A 139 -1.35 -18.26 20.86
C GLU A 139 -1.01 -19.39 19.89
N ALA A 140 0.03 -20.11 20.27
CA ALA A 140 0.31 -21.42 19.74
C ALA A 140 -0.36 -22.45 20.65
N LYS A 141 -1.48 -23.01 20.20
CA LYS A 141 -2.17 -24.07 20.91
C LYS A 141 -1.28 -25.32 20.90
N ASP A 142 -0.55 -25.51 19.79
CA ASP A 142 0.57 -26.47 19.69
C ASP A 142 1.49 -25.95 18.59
N ASP A 143 2.47 -26.75 18.18
CA ASP A 143 3.48 -26.24 17.28
C ASP A 143 2.89 -25.81 15.92
N TYR A 144 1.78 -26.43 15.49
CA TYR A 144 1.23 -26.24 14.16
C TYR A 144 -0.20 -25.66 14.23
N THR A 145 -0.56 -25.08 15.37
CA THR A 145 -1.91 -24.47 15.48
C THR A 145 -1.82 -23.08 16.11
N PHE A 146 -2.09 -22.08 15.27
CA PHE A 146 -2.03 -20.66 15.60
C PHE A 146 -3.46 -20.13 15.71
N VAL A 147 -3.81 -19.55 16.88
CA VAL A 147 -5.17 -19.09 17.15
C VAL A 147 -5.12 -17.57 17.40
N VAL A 148 -6.03 -16.86 16.73
CA VAL A 148 -6.18 -15.41 16.85
C VAL A 148 -7.52 -15.10 17.53
N HIS A 149 -7.48 -14.31 18.62
CA HIS A 149 -8.69 -13.98 19.40
C HIS A 149 -8.98 -12.48 19.26
N ALA A 150 -10.06 -12.15 18.56
CA ALA A 150 -10.48 -10.77 18.30
C ALA A 150 -11.59 -10.38 19.30
N THR A 151 -11.67 -9.10 19.67
CA THR A 151 -12.66 -8.63 20.65
C THR A 151 -13.96 -8.22 19.95
N ASN A 152 -13.89 -7.96 18.64
CA ASN A 152 -15.07 -7.62 17.85
C ASN A 152 -15.09 -8.50 16.62
N PRO A 153 -16.26 -8.69 15.99
CA PRO A 153 -16.36 -9.43 14.73
C PRO A 153 -15.55 -8.76 13.62
N VAL A 154 -14.71 -9.56 12.97
CA VAL A 154 -13.93 -9.15 11.84
C VAL A 154 -14.09 -10.22 10.76
N PRO A 155 -15.22 -10.22 10.02
CA PRO A 155 -15.50 -11.24 9.03
C PRO A 155 -14.53 -11.26 7.85
N TYR A 156 -13.72 -10.19 7.66
CA TYR A 156 -12.76 -10.02 6.58
C TYR A 156 -11.34 -10.40 7.06
N ALA A 157 -11.23 -11.02 8.23
CA ALA A 157 -9.98 -11.32 8.92
C ALA A 157 -8.96 -12.03 8.01
N VAL A 158 -9.42 -12.99 7.19
CA VAL A 158 -8.45 -13.83 6.45
C VAL A 158 -7.72 -12.97 5.41
N SER A 159 -8.44 -12.06 4.74
CA SER A 159 -7.83 -11.17 3.76
C SER A 159 -6.79 -10.24 4.40
N LEU A 160 -7.01 -9.82 5.66
CA LEU A 160 -6.00 -9.02 6.37
C LEU A 160 -4.69 -9.78 6.53
N THR A 161 -4.74 -11.11 6.73
CA THR A 161 -3.54 -11.88 7.06
C THR A 161 -2.56 -11.97 5.89
N THR A 162 -2.91 -11.53 4.68
CA THR A 162 -1.99 -11.56 3.55
C THR A 162 -0.96 -10.43 3.57
N HIS A 163 -1.11 -9.44 4.45
CA HIS A 163 -0.31 -8.20 4.42
C HIS A 163 1.12 -8.49 4.88
N GLN A 164 2.07 -7.65 4.45
CA GLN A 164 3.50 -7.82 4.81
C GLN A 164 3.74 -7.73 6.32
N SER A 165 2.96 -6.88 7.02
CA SER A 165 3.14 -6.68 8.47
C SER A 165 2.86 -7.97 9.27
N LEU A 166 2.16 -8.96 8.70
CA LEU A 166 1.78 -10.16 9.45
C LEU A 166 2.53 -11.38 8.93
N LEU A 167 3.60 -11.16 8.15
CA LEU A 167 4.50 -12.21 7.79
C LEU A 167 5.17 -12.77 9.04
N PRO A 168 5.49 -14.08 9.07
CA PRO A 168 6.19 -14.64 10.23
C PRO A 168 7.66 -14.19 10.11
N LEU A 169 8.34 -14.22 11.24
CA LEU A 169 9.78 -14.00 11.33
C LEU A 169 10.41 -15.21 12.01
N PRO A 170 11.69 -15.54 11.72
CA PRO A 170 12.36 -16.70 12.32
C PRO A 170 12.80 -16.33 13.74
N GLN A 171 11.95 -16.66 14.71
CA GLN A 171 12.14 -16.24 16.11
C GLN A 171 13.59 -16.53 16.60
N LYS A 172 14.06 -17.75 16.38
CA LYS A 172 15.38 -18.15 16.87
C LYS A 172 16.48 -17.23 16.30
N VAL A 173 16.35 -16.84 15.04
CA VAL A 173 17.30 -15.94 14.42
C VAL A 173 17.14 -14.52 14.97
N VAL A 174 15.92 -13.97 14.97
CA VAL A 174 15.73 -12.57 15.31
C VAL A 174 16.08 -12.35 16.79
N GLU A 175 15.82 -13.35 17.62
CA GLU A 175 16.10 -13.24 19.07
C GLU A 175 17.61 -13.21 19.32
N LYS A 176 18.38 -13.91 18.48
CA LYS A 176 19.83 -13.96 18.60
C LYS A 176 20.44 -12.68 18.01
N LEU A 177 19.98 -12.22 16.84
CA LEU A 177 20.71 -11.17 16.08
C LEU A 177 20.09 -9.77 16.24
N GLY A 178 18.90 -9.67 16.87
CA GLY A 178 18.12 -8.44 16.84
C GLY A 178 17.84 -7.93 15.43
N ASP A 179 17.77 -6.61 15.29
CA ASP A 179 17.43 -5.96 14.05
C ASP A 179 18.45 -6.30 12.96
N ALA A 180 19.65 -6.81 13.33
CA ALA A 180 20.67 -7.18 12.34
C ALA A 180 20.28 -8.44 11.54
N TRP A 181 19.17 -9.09 11.90
CA TRP A 181 18.76 -10.32 11.21
C TRP A 181 18.56 -10.05 9.71
N VAL A 182 18.28 -8.80 9.34
CA VAL A 182 17.87 -8.48 7.96
C VAL A 182 19.06 -8.32 7.04
N LYS A 183 20.28 -8.27 7.56
CA LYS A 183 21.42 -8.20 6.71
C LYS A 183 21.43 -9.45 5.84
N LYS A 184 21.94 -9.29 4.61
CA LYS A 184 21.98 -10.33 3.58
C LYS A 184 22.59 -11.62 4.13
N GLU A 185 23.64 -11.50 4.94
CA GLU A 185 24.39 -12.66 5.50
C GLU A 185 23.54 -13.38 6.56
N ASN A 186 22.60 -12.67 7.20
CA ASN A 186 21.81 -13.19 8.32
C ASN A 186 20.38 -13.61 7.91
N TYR A 187 19.87 -13.07 6.80
CA TYR A 187 18.43 -13.20 6.48
C TYR A 187 18.05 -14.67 6.40
N VAL A 188 16.94 -15.00 7.05
CA VAL A 188 16.33 -16.30 6.97
C VAL A 188 14.83 -16.08 6.76
N GLY A 189 14.27 -16.73 5.73
CA GLY A 189 12.85 -16.60 5.45
C GLY A 189 12.22 -17.90 4.99
N ASN A 190 10.90 -17.85 4.75
CA ASN A 190 10.14 -19.05 4.44
C ASN A 190 9.36 -18.89 3.14
N GLY A 191 9.71 -17.84 2.37
CA GLY A 191 9.17 -17.55 1.04
C GLY A 191 9.86 -18.36 -0.07
N ALA A 192 9.44 -18.08 -1.30
CA ALA A 192 9.92 -18.85 -2.47
C ALA A 192 11.36 -18.49 -2.87
N TYR A 193 11.83 -17.30 -2.46
CA TYR A 193 13.18 -16.80 -2.82
C TYR A 193 14.00 -16.46 -1.58
N LYS A 194 15.29 -16.28 -1.82
CA LYS A 194 16.20 -15.68 -0.83
C LYS A 194 17.05 -14.61 -1.51
N LEU A 195 17.67 -13.75 -0.71
CA LEU A 195 18.54 -12.66 -1.20
C LEU A 195 19.89 -13.21 -1.71
N ALA A 196 20.19 -12.97 -2.98
CA ALA A 196 21.48 -13.34 -3.57
C ALA A 196 22.42 -12.13 -3.43
N ASN A 197 21.90 -10.91 -3.67
CA ASN A 197 22.73 -9.71 -3.64
C ASN A 197 21.84 -8.48 -3.50
N HIS A 198 22.42 -7.41 -2.95
CA HIS A 198 21.85 -6.12 -2.77
C HIS A 198 22.95 -5.06 -2.94
N ILE A 199 22.85 -4.25 -3.98
CA ILE A 199 23.60 -3.04 -4.23
C ILE A 199 22.63 -1.87 -4.13
N ILE A 200 22.86 -1.02 -3.11
CA ILE A 200 22.01 0.12 -2.80
C ILE A 200 21.91 1.04 -4.02
N ASN A 201 20.67 1.42 -4.32
CA ASN A 201 20.32 2.27 -5.44
C ASN A 201 20.53 1.60 -6.79
N GLU A 202 20.83 0.30 -6.87
CA GLU A 202 21.09 -0.34 -8.17
C GLU A 202 20.18 -1.57 -8.37
N LYS A 203 20.37 -2.60 -7.57
CA LYS A 203 19.63 -3.84 -7.81
C LYS A 203 19.52 -4.69 -6.54
N ILE A 204 18.44 -5.48 -6.49
CA ILE A 204 18.30 -6.58 -5.56
C ILE A 204 18.20 -7.86 -6.39
N GLU A 205 19.00 -8.86 -6.06
CA GLU A 205 19.02 -10.12 -6.75
C GLU A 205 18.39 -11.18 -5.85
N PHE A 206 17.47 -11.94 -6.44
CA PHE A 206 16.84 -13.05 -5.77
C PHE A 206 17.27 -14.37 -6.43
N GLU A 207 17.34 -15.41 -5.59
CA GLU A 207 17.55 -16.79 -6.05
C GLU A 207 16.50 -17.65 -5.37
N ARG A 208 16.17 -18.79 -5.97
CA ARG A 208 15.20 -19.76 -5.46
C ARG A 208 15.58 -20.19 -4.04
N ASN A 209 14.59 -20.26 -3.14
CA ASN A 209 14.71 -20.85 -1.83
C ASN A 209 14.35 -22.33 -1.96
N PRO A 210 15.34 -23.24 -2.05
CA PRO A 210 15.01 -24.64 -2.27
C PRO A 210 14.25 -25.28 -1.10
N LEU A 211 14.26 -24.65 0.08
CA LEU A 211 13.57 -25.19 1.24
C LEU A 211 12.17 -24.60 1.40
N TYR A 212 11.72 -23.81 0.43
CA TYR A 212 10.30 -23.37 0.40
C TYR A 212 9.40 -24.62 0.29
N TRP A 213 8.31 -24.65 1.06
CA TRP A 213 7.39 -25.82 1.12
C TRP A 213 6.88 -26.16 -0.28
N ASN A 214 6.71 -25.16 -1.15
CA ASN A 214 6.17 -25.39 -2.47
C ASN A 214 7.21 -25.10 -3.58
N ASP A 215 8.50 -25.31 -3.31
CA ASP A 215 9.56 -25.05 -4.31
C ASP A 215 9.31 -25.87 -5.59
N LYS A 216 8.74 -27.06 -5.42
CA LYS A 216 8.45 -27.91 -6.58
C LYS A 216 7.53 -27.24 -7.60
N GLU A 217 6.77 -26.20 -7.23
CA GLU A 217 5.88 -25.51 -8.19
C GLU A 217 6.47 -24.16 -8.63
N THR A 218 7.56 -23.71 -8.00
CA THR A 218 8.20 -22.45 -8.36
C THR A 218 8.95 -22.60 -9.69
N VAL A 219 8.75 -21.65 -10.60
CA VAL A 219 9.35 -21.78 -11.93
C VAL A 219 10.56 -20.85 -12.11
N ILE A 220 10.38 -19.56 -11.78
CA ILE A 220 11.45 -18.56 -11.92
C ILE A 220 12.59 -18.95 -10.98
N ASN A 221 13.79 -19.08 -11.54
CA ASN A 221 14.99 -19.47 -10.83
C ASN A 221 15.65 -18.24 -10.19
N SER A 222 15.63 -17.10 -10.88
CA SER A 222 16.36 -15.96 -10.40
C SER A 222 15.67 -14.70 -10.90
N ALA A 223 15.80 -13.59 -10.17
CA ALA A 223 15.21 -12.35 -10.58
C ALA A 223 16.06 -11.18 -10.09
N THR A 224 15.92 -10.07 -10.79
CA THR A 224 16.49 -8.82 -10.39
C THR A 224 15.36 -7.79 -10.24
N PHE A 225 15.36 -7.07 -9.10
CA PHE A 225 14.55 -5.86 -8.95
C PHE A 225 15.46 -4.62 -9.13
N LEU A 226 15.10 -3.75 -10.06
CA LEU A 226 15.78 -2.48 -10.24
C LEU A 226 15.08 -1.39 -9.41
N ALA A 227 15.73 -0.22 -9.32
CA ALA A 227 15.23 0.88 -8.51
C ALA A 227 15.17 2.16 -9.36
N ILE A 228 14.40 2.10 -10.43
CA ILE A 228 14.35 3.18 -11.40
C ILE A 228 13.14 4.05 -11.06
N GLU A 229 13.42 5.33 -10.78
CA GLU A 229 12.46 6.20 -10.13
C GLU A 229 11.51 6.79 -11.17
N ASN A 230 12.02 7.06 -12.39
CA ASN A 230 11.29 7.76 -13.45
C ASN A 230 10.70 6.77 -14.45
N PRO A 231 9.36 6.79 -14.64
CA PRO A 231 8.69 5.91 -15.61
C PRO A 231 9.31 5.99 -17.02
N SER A 232 9.70 7.18 -17.46
CA SER A 232 10.32 7.28 -18.78
C SER A 232 11.62 6.43 -18.85
N THR A 233 12.40 6.38 -17.76
CA THR A 233 13.60 5.59 -17.75
C THR A 233 13.27 4.08 -17.77
N ASP A 234 12.22 3.71 -17.03
CA ASP A 234 11.72 2.36 -16.93
C ASP A 234 11.38 1.87 -18.36
N VAL A 235 10.60 2.68 -19.09
CA VAL A 235 10.20 2.34 -20.46
C VAL A 235 11.43 2.24 -21.38
N ALA A 236 12.37 3.18 -21.25
CA ALA A 236 13.58 3.13 -22.10
C ALA A 236 14.35 1.81 -21.89
N ARG A 237 14.50 1.37 -20.64
CA ARG A 237 15.20 0.11 -20.33
C ARG A 237 14.42 -1.10 -20.84
N TYR A 238 13.09 -1.02 -20.72
CA TYR A 238 12.21 -2.04 -21.23
C TYR A 238 12.40 -2.18 -22.75
N ARG A 239 12.34 -1.07 -23.48
CA ARG A 239 12.41 -1.08 -24.96
C ARG A 239 13.79 -1.50 -25.47
N ALA A 240 14.84 -1.27 -24.68
CA ALA A 240 16.19 -1.69 -24.98
C ALA A 240 16.39 -3.18 -24.65
N GLY A 241 15.33 -3.83 -24.16
CA GLY A 241 15.33 -5.25 -23.77
C GLY A 241 16.09 -5.53 -22.48
N ASP A 242 16.24 -4.53 -21.60
CA ASP A 242 17.09 -4.74 -20.41
C ASP A 242 16.24 -4.92 -19.14
N LEU A 243 14.91 -4.90 -19.28
CA LEU A 243 14.03 -5.33 -18.17
C LEU A 243 12.75 -5.85 -18.79
N ASP A 244 12.04 -6.68 -18.02
CA ASP A 244 10.93 -7.51 -18.53
C ASP A 244 9.55 -7.01 -18.10
N MET A 245 9.47 -6.24 -17.00
CA MET A 245 8.24 -5.73 -16.44
C MET A 245 8.55 -4.38 -15.82
N THR A 246 7.80 -3.35 -16.20
CA THR A 246 7.98 -2.03 -15.60
C THR A 246 7.35 -2.06 -14.22
N SER A 247 7.54 -0.96 -13.48
CA SER A 247 6.71 -0.62 -12.35
C SER A 247 5.35 -0.09 -12.84
N TYR A 248 4.48 0.31 -11.90
CA TYR A 248 3.06 0.64 -12.21
C TYR A 248 2.85 2.11 -12.59
N GLY A 249 3.79 2.72 -13.29
CA GLY A 249 3.58 4.05 -13.93
C GLY A 249 4.22 4.12 -15.31
N LEU A 250 3.52 4.74 -16.27
CA LEU A 250 4.09 4.96 -17.59
C LEU A 250 3.98 6.45 -17.92
N PRO A 251 4.90 7.00 -18.76
CA PRO A 251 4.86 8.41 -19.15
C PRO A 251 3.58 8.68 -19.93
N PRO A 252 2.76 9.66 -19.48
CA PRO A 252 1.49 9.99 -20.14
C PRO A 252 1.63 10.30 -21.64
N GLU A 253 2.73 10.97 -22.00
CA GLU A 253 2.85 11.54 -23.34
C GLU A 253 3.20 10.41 -24.33
N GLN A 254 3.72 9.29 -23.81
CA GLN A 254 4.09 8.12 -24.60
C GLN A 254 3.02 7.03 -24.61
N PHE A 255 2.01 7.10 -23.71
CA PHE A 255 1.08 5.97 -23.46
C PHE A 255 0.39 5.52 -24.76
N ALA A 256 -0.14 6.50 -25.54
CA ALA A 256 -0.92 6.24 -26.79
C ALA A 256 -0.07 5.47 -27.81
N LYS A 257 1.17 5.95 -28.02
CA LYS A 257 2.09 5.33 -28.96
C LYS A 257 2.51 3.94 -28.46
N LEU A 258 2.77 3.79 -27.16
CA LEU A 258 3.13 2.48 -26.62
C LEU A 258 2.00 1.46 -26.86
N LYS A 259 0.74 1.86 -26.66
CA LYS A 259 -0.37 0.92 -26.88
C LYS A 259 -0.36 0.41 -28.33
N LYS A 260 -0.08 1.29 -29.29
CA LYS A 260 -0.05 0.99 -30.74
C LYS A 260 1.13 0.06 -31.08
N GLU A 261 2.34 0.41 -30.62
CA GLU A 261 3.58 -0.29 -30.97
C GLU A 261 3.82 -1.56 -30.15
N LEU A 262 3.35 -1.64 -28.91
CA LEU A 262 3.61 -2.81 -28.07
C LEU A 262 2.27 -3.53 -27.80
N LEU A 263 1.63 -3.93 -28.90
CA LEU A 263 0.39 -4.71 -28.88
C LEU A 263 0.50 -5.84 -27.85
N GLY A 264 -0.42 -5.86 -26.88
CA GLY A 264 -0.50 -6.97 -25.94
C GLY A 264 0.56 -6.94 -24.84
N GLU A 265 1.38 -5.89 -24.79
CA GLU A 265 2.40 -5.69 -23.73
C GLU A 265 1.93 -4.64 -22.72
N VAL A 266 0.93 -3.82 -23.06
CA VAL A 266 0.49 -2.75 -22.17
C VAL A 266 -0.66 -3.30 -21.32
N TYR A 267 -0.47 -3.33 -20.00
CA TYR A 267 -1.48 -3.77 -19.06
C TYR A 267 -1.93 -2.60 -18.18
N VAL A 268 -3.23 -2.51 -17.95
CA VAL A 268 -3.76 -1.52 -17.07
C VAL A 268 -4.71 -2.25 -16.13
N THR A 269 -4.39 -2.21 -14.85
CA THR A 269 -5.20 -2.83 -13.82
C THR A 269 -6.02 -1.74 -13.11
N ARG A 270 -7.32 -1.97 -12.97
CA ARG A 270 -8.13 -1.19 -12.09
C ARG A 270 -7.76 -1.60 -10.66
N THR A 271 -7.18 -0.70 -9.86
CA THR A 271 -6.65 -1.11 -8.54
C THR A 271 -7.39 -0.34 -7.42
N LEU A 272 -7.30 -0.92 -6.22
CA LEU A 272 -7.91 -0.34 -5.05
C LEU A 272 -6.89 0.62 -4.45
N GLY A 273 -6.81 1.81 -5.05
CA GLY A 273 -5.88 2.81 -4.64
C GLY A 273 -6.41 4.20 -4.87
N THR A 274 -5.89 5.14 -4.08
CA THR A 274 -6.24 6.54 -4.15
C THR A 274 -4.98 7.39 -4.05
N TYR A 275 -4.87 8.32 -5.01
CA TYR A 275 -3.83 9.33 -5.10
C TYR A 275 -4.40 10.63 -4.48
N SER A 276 -3.68 11.17 -3.50
CA SER A 276 -4.10 12.30 -2.71
C SER A 276 -2.92 13.25 -2.53
N TYR A 277 -3.25 14.50 -2.19
CA TYR A 277 -2.35 15.33 -1.44
C TYR A 277 -2.79 15.32 0.00
N GLU A 278 -1.90 14.84 0.86
CA GLU A 278 -2.12 14.83 2.30
C GLU A 278 -1.79 16.21 2.87
N LEU A 279 -2.72 16.77 3.66
CA LEU A 279 -2.47 18.04 4.37
C LEU A 279 -2.02 17.72 5.79
N ASN A 280 -0.97 18.40 6.26
CA ASN A 280 -0.48 18.25 7.61
C ASN A 280 -1.44 18.99 8.55
N ASN A 281 -2.37 18.26 9.16
CA ASN A 281 -3.50 18.87 9.91
C ASN A 281 -3.04 19.51 11.23
N LYS A 282 -1.79 19.31 11.66
CA LYS A 282 -1.32 19.92 12.91
C LYS A 282 -0.29 21.04 12.64
N LYS A 283 0.00 21.36 11.38
CA LYS A 283 0.98 22.38 11.02
C LYS A 283 0.24 23.59 10.43
N ALA A 284 0.48 24.76 11.00
CA ALA A 284 -0.07 25.99 10.46
C ALA A 284 0.46 26.14 9.03
N PRO A 285 -0.39 26.60 8.12
CA PRO A 285 -1.78 26.95 8.33
C PRO A 285 -2.85 25.90 7.97
N PHE A 286 -2.47 24.63 7.82
CA PHE A 286 -3.40 23.57 7.38
C PHE A 286 -4.20 23.01 8.55
N ASP A 287 -3.90 23.48 9.76
CA ASP A 287 -4.72 23.26 10.92
C ASP A 287 -6.04 24.04 10.76
N ASN A 288 -6.11 24.98 9.81
CA ASN A 288 -7.29 25.80 9.58
C ASN A 288 -8.18 25.13 8.54
N VAL A 289 -9.38 24.68 8.96
CA VAL A 289 -10.34 23.97 8.07
C VAL A 289 -10.67 24.82 6.83
N ASN A 290 -10.71 26.15 6.97
CA ASN A 290 -11.12 27.02 5.87
C ASN A 290 -10.07 26.94 4.73
N ILE A 291 -8.80 26.84 5.09
CA ILE A 291 -7.72 26.71 4.11
C ILE A 291 -7.76 25.31 3.46
N ARG A 292 -7.95 24.26 4.27
CA ARG A 292 -8.07 22.88 3.74
C ARG A 292 -9.21 22.84 2.71
N LYS A 293 -10.33 23.48 3.04
CA LYS A 293 -11.51 23.53 2.17
C LYS A 293 -11.19 24.26 0.86
N ALA A 294 -10.50 25.41 0.96
CA ALA A 294 -10.17 26.20 -0.20
C ALA A 294 -9.32 25.39 -1.19
N LEU A 295 -8.37 24.61 -0.67
CA LEU A 295 -7.50 23.82 -1.56
C LEU A 295 -8.29 22.75 -2.31
N ASN A 296 -9.24 22.12 -1.63
CA ASN A 296 -10.10 21.12 -2.23
C ASN A 296 -10.98 21.75 -3.32
N LEU A 297 -11.62 22.89 -3.03
CA LEU A 297 -12.57 23.52 -3.97
C LEU A 297 -11.86 23.86 -5.29
N SER A 298 -10.60 24.33 -5.21
CA SER A 298 -9.89 24.99 -6.32
C SER A 298 -8.94 24.04 -7.09
N LEU A 299 -8.90 22.77 -6.71
CA LEU A 299 -8.19 21.75 -7.51
C LEU A 299 -9.20 21.04 -8.42
N ASP A 300 -9.00 21.17 -9.73
CA ASP A 300 -9.83 20.51 -10.73
C ASP A 300 -9.22 19.14 -11.01
N ARG A 301 -9.88 18.09 -10.51
CA ARG A 301 -9.38 16.72 -10.59
C ARG A 301 -9.36 16.28 -12.06
N ASN A 302 -10.36 16.69 -12.83
CA ASN A 302 -10.48 16.27 -14.25
C ASN A 302 -9.27 16.74 -15.06
N VAL A 303 -8.65 17.85 -14.68
CA VAL A 303 -7.50 18.29 -15.41
C VAL A 303 -6.40 17.24 -15.24
N ILE A 304 -6.15 16.80 -14.00
CA ILE A 304 -5.14 15.78 -13.75
C ILE A 304 -5.50 14.45 -14.44
N THR A 305 -6.73 13.96 -14.27
CA THR A 305 -7.06 12.63 -14.77
C THR A 305 -7.16 12.62 -16.31
N ASP A 306 -7.62 13.72 -16.91
CA ASP A 306 -7.95 13.70 -18.32
C ASP A 306 -6.82 14.32 -19.15
N LYS A 307 -6.15 15.36 -18.64
CA LYS A 307 -5.19 16.11 -19.43
C LYS A 307 -3.75 15.75 -19.05
N VAL A 308 -3.43 15.57 -17.77
CA VAL A 308 -2.02 15.36 -17.37
C VAL A 308 -1.68 13.87 -17.55
N LEU A 309 -2.59 12.98 -17.16
CA LEU A 309 -2.32 11.56 -17.13
C LEU A 309 -3.02 10.86 -18.30
N GLY A 310 -4.34 10.74 -18.25
CA GLY A 310 -5.16 10.24 -19.34
C GLY A 310 -4.96 8.76 -19.64
N GLN A 311 -4.76 7.93 -18.61
CA GLN A 311 -4.50 6.51 -18.80
C GLN A 311 -5.63 5.68 -18.19
N GLY A 312 -6.69 6.35 -17.75
CA GLY A 312 -7.87 5.68 -17.18
C GLY A 312 -8.08 5.97 -15.71
N GLN A 313 -7.20 6.80 -15.10
CA GLN A 313 -7.41 7.25 -13.75
C GLN A 313 -8.74 8.01 -13.71
N THR A 314 -9.49 7.83 -12.62
CA THR A 314 -10.81 8.44 -12.49
C THR A 314 -10.81 9.42 -11.32
N PRO A 315 -11.39 10.63 -11.50
CA PRO A 315 -11.37 11.65 -10.45
C PRO A 315 -12.09 11.13 -9.19
N THR A 316 -11.60 11.48 -8.00
CA THR A 316 -12.35 11.21 -6.77
C THR A 316 -12.15 12.37 -5.80
N TYR A 317 -13.09 12.48 -4.86
CA TYR A 317 -13.11 13.55 -3.85
C TYR A 317 -13.24 12.95 -2.47
N VAL A 318 -13.11 11.61 -2.37
CA VAL A 318 -13.15 10.88 -1.11
C VAL A 318 -11.92 9.94 -1.07
N PHE A 319 -11.56 9.51 0.12
CA PHE A 319 -10.34 8.74 0.32
C PHE A 319 -10.59 7.31 -0.15
N THR A 320 -11.70 6.72 0.34
CA THR A 320 -12.03 5.33 0.04
C THR A 320 -12.49 5.20 -1.41
N PRO A 321 -11.93 4.23 -2.20
CA PRO A 321 -12.47 3.90 -3.52
C PRO A 321 -13.87 3.28 -3.34
N THR A 322 -14.87 3.87 -3.99
CA THR A 322 -16.26 3.52 -3.71
C THR A 322 -16.62 2.13 -4.25
N TYR A 323 -15.78 1.58 -5.13
CA TYR A 323 -15.95 0.24 -5.72
C TYR A 323 -15.28 -0.85 -4.86
N ILE A 324 -14.61 -0.53 -3.75
CA ILE A 324 -14.11 -1.57 -2.82
C ILE A 324 -15.32 -2.22 -2.14
N GLU A 325 -15.16 -3.46 -1.70
CA GLU A 325 -16.24 -4.18 -1.05
C GLU A 325 -16.63 -3.43 0.23
N GLU A 326 -17.95 -3.18 0.35
CA GLU A 326 -18.64 -2.49 1.46
C GLU A 326 -18.40 -0.97 1.38
N GLY A 327 -18.03 -0.47 0.20
CA GLY A 327 -17.77 0.98 0.04
C GLY A 327 -18.85 1.67 -0.77
N HIS A 328 -19.87 0.90 -1.16
CA HIS A 328 -20.79 1.35 -2.20
C HIS A 328 -21.69 2.49 -1.70
N LEU A 329 -21.80 2.72 -0.38
CA LEU A 329 -22.71 3.78 0.14
C LEU A 329 -21.95 5.09 0.36
N ILE A 330 -20.62 5.08 0.14
CA ILE A 330 -19.83 6.30 0.20
C ILE A 330 -20.25 7.23 -0.94
N GLN A 331 -20.52 8.49 -0.58
CA GLN A 331 -21.05 9.53 -1.46
C GLN A 331 -19.93 10.49 -1.79
N GLN A 332 -19.80 10.87 -3.07
CA GLN A 332 -18.90 11.99 -3.45
C GLN A 332 -19.53 13.25 -2.86
N PRO A 333 -18.75 14.21 -2.32
CA PRO A 333 -19.29 15.41 -1.70
C PRO A 333 -19.94 16.37 -2.72
N ALA A 334 -20.83 17.22 -2.19
CA ALA A 334 -21.72 18.11 -2.94
C ALA A 334 -20.93 19.06 -3.86
N TYR A 335 -19.84 19.63 -3.35
CA TYR A 335 -19.02 20.59 -4.10
C TYR A 335 -18.47 19.95 -5.38
N SER A 336 -18.29 18.62 -5.42
CA SER A 336 -17.73 17.97 -6.62
C SER A 336 -18.67 18.17 -7.80
N LYS A 337 -19.94 18.47 -7.49
CA LYS A 337 -20.99 18.62 -8.49
C LYS A 337 -21.22 20.11 -8.86
N GLU A 338 -20.45 21.05 -8.29
CA GLU A 338 -20.56 22.49 -8.61
C GLU A 338 -19.62 22.85 -9.78
N PRO A 339 -19.99 23.84 -10.63
CA PRO A 339 -19.06 24.37 -11.63
C PRO A 339 -17.77 24.92 -11.01
N MET A 340 -16.64 24.77 -11.70
CA MET A 340 -15.35 25.30 -11.21
C MET A 340 -15.48 26.80 -10.86
N ALA A 341 -16.28 27.55 -11.62
CA ALA A 341 -16.40 29.00 -11.42
C ALA A 341 -16.87 29.32 -9.99
N GLN A 342 -17.92 28.62 -9.54
CA GLN A 342 -18.50 28.78 -8.19
C GLN A 342 -17.52 28.26 -7.11
N ARG A 343 -16.83 27.13 -7.39
CA ARG A 343 -15.87 26.56 -6.44
C ARG A 343 -14.72 27.54 -6.22
N ASN A 344 -14.21 28.11 -7.31
CA ASN A 344 -13.05 28.99 -7.27
C ASN A 344 -13.39 30.30 -6.56
N GLU A 345 -14.62 30.80 -6.80
CA GLU A 345 -15.16 31.99 -6.11
C GLU A 345 -15.09 31.74 -4.61
N GLU A 346 -15.60 30.57 -4.17
CA GLU A 346 -15.67 30.22 -2.75
C GLU A 346 -14.24 30.11 -2.19
N ALA A 347 -13.30 29.52 -2.95
CA ALA A 347 -11.95 29.33 -2.46
C ALA A 347 -11.26 30.69 -2.24
N ILE A 348 -11.40 31.60 -3.21
CA ILE A 348 -10.84 32.96 -3.08
C ILE A 348 -11.40 33.64 -1.82
N LYS A 349 -12.72 33.55 -1.59
CA LYS A 349 -13.32 34.13 -0.39
C LYS A 349 -12.61 33.59 0.86
N LEU A 350 -12.46 32.25 0.96
CA LEU A 350 -11.88 31.63 2.15
C LEU A 350 -10.45 32.11 2.34
N LEU A 351 -9.71 32.25 1.24
CA LEU A 351 -8.29 32.62 1.39
C LEU A 351 -8.14 34.11 1.79
N GLU A 352 -9.04 34.97 1.30
CA GLU A 352 -8.97 36.40 1.66
C GLU A 352 -9.34 36.55 3.14
N GLU A 353 -10.33 35.77 3.60
CA GLU A 353 -10.76 35.80 5.00
C GLU A 353 -9.61 35.35 5.91
N ALA A 354 -8.74 34.49 5.36
CA ALA A 354 -7.58 33.98 6.03
C ALA A 354 -6.36 34.89 5.78
N GLY A 355 -6.52 36.02 5.09
CA GLY A 355 -5.45 37.03 5.08
C GLY A 355 -4.44 36.88 3.92
N TYR A 356 -4.79 36.16 2.87
CA TYR A 356 -3.89 36.05 1.72
C TYR A 356 -4.37 37.00 0.63
N SER A 357 -3.46 37.36 -0.27
CA SER A 357 -3.70 38.25 -1.39
C SER A 357 -2.66 37.94 -2.47
N LYS A 358 -2.72 38.67 -3.59
CA LYS A 358 -1.73 38.55 -4.67
C LYS A 358 -0.32 38.84 -4.16
N ALA A 359 -0.17 39.88 -3.33
CA ALA A 359 1.12 40.35 -2.83
C ALA A 359 1.60 39.50 -1.65
N ASN A 360 0.68 38.83 -0.97
CA ASN A 360 0.97 37.98 0.21
C ASN A 360 0.23 36.65 0.07
N PRO A 361 0.62 35.80 -0.90
CA PRO A 361 -0.15 34.60 -1.15
C PRO A 361 0.16 33.52 -0.09
N LEU A 362 -0.72 32.52 -0.04
CA LEU A 362 -0.41 31.27 0.71
C LEU A 362 0.74 30.53 0.00
N LYS A 363 1.86 30.35 0.69
CA LYS A 363 3.06 29.71 0.17
C LYS A 363 3.31 28.39 0.93
N PHE A 364 3.53 27.32 0.18
CA PHE A 364 3.85 26.04 0.75
C PHE A 364 4.49 25.19 -0.34
N SER A 365 5.10 24.07 0.06
CA SER A 365 5.74 23.13 -0.82
C SER A 365 4.94 21.85 -0.86
N ILE A 366 4.89 21.26 -2.05
CA ILE A 366 4.39 19.93 -2.21
C ILE A 366 5.59 19.01 -2.14
N LEU A 367 5.62 18.17 -1.11
CA LEU A 367 6.59 17.13 -0.98
C LEU A 367 6.17 15.89 -1.77
N TYR A 368 7.09 15.35 -2.56
CA TYR A 368 6.79 14.15 -3.38
C TYR A 368 8.08 13.37 -3.59
N ASN A 369 7.94 12.07 -3.81
CA ASN A 369 9.07 11.22 -4.03
C ASN A 369 9.48 11.36 -5.49
N THR A 370 10.80 11.43 -5.71
CA THR A 370 11.38 11.66 -7.04
C THR A 370 10.74 10.70 -8.05
N ASN A 371 10.09 11.25 -9.05
CA ASN A 371 9.36 10.49 -10.03
C ASN A 371 8.80 11.53 -10.99
N GLU A 372 9.16 11.47 -12.28
CA GLU A 372 8.74 12.50 -13.24
C GLU A 372 7.20 12.61 -13.32
N ASN A 373 6.47 11.49 -13.23
CA ASN A 373 4.99 11.52 -13.27
C ASN A 373 4.44 12.31 -12.07
N HIS A 374 4.98 12.10 -10.86
CA HIS A 374 4.51 12.90 -9.68
C HIS A 374 4.85 14.39 -9.85
N LYS A 375 5.98 14.69 -10.51
CA LYS A 375 6.37 16.06 -10.81
C LYS A 375 5.32 16.69 -11.71
N LYS A 376 4.92 15.96 -12.77
CA LYS A 376 3.95 16.47 -13.70
C LYS A 376 2.66 16.79 -12.96
N VAL A 377 2.21 15.89 -12.10
CA VAL A 377 0.95 16.11 -11.39
C VAL A 377 1.10 17.33 -10.46
N ALA A 378 2.23 17.44 -9.75
CA ALA A 378 2.50 18.54 -8.85
C ALA A 378 2.56 19.88 -9.60
N ILE A 379 3.20 19.92 -10.77
CA ILE A 379 3.26 21.16 -11.54
C ILE A 379 1.85 21.58 -11.92
N ALA A 380 1.01 20.64 -12.38
CA ALA A 380 -0.34 21.00 -12.75
C ALA A 380 -1.16 21.46 -11.53
N ALA A 381 -0.93 20.85 -10.37
CA ALA A 381 -1.65 21.25 -9.16
C ALA A 381 -1.22 22.66 -8.74
N ALA A 382 0.09 22.93 -8.79
CA ALA A 382 0.67 24.21 -8.44
C ALA A 382 0.09 25.30 -9.33
N SER A 383 -0.04 24.95 -10.61
CA SER A 383 -0.44 25.85 -11.64
C SER A 383 -1.93 26.14 -11.51
N MET A 384 -2.74 25.10 -11.25
CA MET A 384 -4.19 25.28 -11.05
C MET A 384 -4.48 26.08 -9.78
N TRP A 385 -3.76 25.80 -8.70
CA TRP A 385 -4.06 26.46 -7.46
C TRP A 385 -3.77 27.97 -7.58
N LYS A 386 -2.72 28.34 -8.33
CA LYS A 386 -2.38 29.76 -8.51
C LYS A 386 -3.39 30.45 -9.43
N ALA A 387 -3.69 29.86 -10.59
CA ALA A 387 -4.59 30.47 -11.57
C ALA A 387 -6.01 30.52 -11.03
N ASN A 388 -6.47 29.42 -10.41
CA ASN A 388 -7.87 29.31 -10.02
C ASN A 388 -8.19 30.27 -8.85
N THR A 389 -7.18 30.63 -8.05
CA THR A 389 -7.38 31.54 -6.91
C THR A 389 -6.81 32.94 -7.22
N LYS A 390 -6.53 33.20 -8.50
CA LYS A 390 -6.04 34.50 -8.98
C LYS A 390 -4.85 34.99 -8.15
N GLY A 391 -3.86 34.11 -7.96
CA GLY A 391 -2.56 34.47 -7.41
C GLY A 391 -2.49 34.35 -5.90
N LEU A 392 -3.55 33.86 -5.26
CA LEU A 392 -3.58 33.81 -3.78
C LEU A 392 -2.89 32.54 -3.24
N ILE A 393 -2.57 31.57 -4.10
CA ILE A 393 -1.71 30.44 -3.71
C ILE A 393 -0.45 30.42 -4.59
N ASP A 394 0.72 30.29 -3.93
CA ASP A 394 2.01 30.17 -4.61
C ASP A 394 2.77 28.95 -4.07
N VAL A 395 2.90 27.93 -4.92
CA VAL A 395 3.29 26.57 -4.52
C VAL A 395 4.68 26.24 -5.07
N LYS A 396 5.59 25.81 -4.19
CA LYS A 396 6.90 25.25 -4.55
C LYS A 396 6.83 23.72 -4.56
N LEU A 397 7.70 23.09 -5.36
CA LEU A 397 7.86 21.65 -5.42
C LEU A 397 9.12 21.22 -4.65
N GLU A 398 9.03 20.16 -3.86
CA GLU A 398 10.16 19.59 -3.17
C GLU A 398 10.19 18.07 -3.40
N ASN A 399 11.19 17.56 -4.12
CA ASN A 399 11.30 16.11 -4.35
C ASN A 399 12.37 15.56 -3.40
N GLN A 400 12.11 14.36 -2.86
CA GLN A 400 13.07 13.63 -2.07
C GLN A 400 13.04 12.17 -2.55
N GLU A 401 14.18 11.49 -2.43
CA GLU A 401 14.23 10.07 -2.66
C GLU A 401 13.19 9.39 -1.75
N TRP A 402 12.69 8.21 -2.19
CA TRP A 402 11.65 7.44 -1.51
C TRP A 402 11.87 7.39 0.01
N LYS A 403 13.05 6.91 0.44
CA LYS A 403 13.29 6.59 1.85
C LYS A 403 13.17 7.85 2.71
N THR A 404 13.74 8.94 2.18
CA THR A 404 13.74 10.27 2.82
C THR A 404 12.32 10.85 2.89
N TYR A 405 11.59 10.73 1.77
CA TYR A 405 10.21 11.18 1.61
C TYR A 405 9.33 10.52 2.67
N ILE A 406 9.47 9.19 2.83
CA ILE A 406 8.70 8.44 3.81
C ILE A 406 9.04 8.93 5.22
N ASP A 407 10.34 9.12 5.50
CA ASP A 407 10.80 9.67 6.82
C ASP A 407 10.19 11.06 7.07
N SER A 408 10.24 11.94 6.06
CA SER A 408 9.69 13.31 6.18
C SER A 408 8.19 13.26 6.50
N ARG A 409 7.43 12.45 5.75
CA ARG A 409 6.01 12.33 6.04
C ARG A 409 5.78 11.81 7.47
N ARG A 410 6.51 10.77 7.89
CA ARG A 410 6.25 10.14 9.21
C ARG A 410 6.61 11.13 10.33
N ALA A 411 7.62 11.96 10.08
CA ALA A 411 8.12 12.92 11.04
C ALA A 411 7.31 14.23 11.01
N GLY A 412 6.32 14.36 10.13
CA GLY A 412 5.50 15.57 10.04
C GLY A 412 6.27 16.77 9.50
N ARG A 413 7.37 16.55 8.79
CA ARG A 413 8.22 17.63 8.27
C ARG A 413 7.79 17.93 6.84
N TYR A 414 6.53 18.33 6.69
CA TYR A 414 5.93 18.68 5.42
C TYR A 414 4.71 19.55 5.69
N ASP A 415 4.32 20.31 4.66
CA ASP A 415 3.06 21.04 4.57
C ASP A 415 1.99 20.19 3.89
N VAL A 416 2.29 19.89 2.61
CA VAL A 416 1.44 19.09 1.73
C VAL A 416 2.34 18.04 1.09
N ALA A 417 1.88 16.79 1.05
CA ALA A 417 2.68 15.66 0.51
C ALA A 417 1.82 14.83 -0.43
N ARG A 418 2.40 14.54 -1.58
CA ARG A 418 1.84 13.54 -2.42
C ARG A 418 1.72 12.24 -1.63
N ALA A 419 0.56 11.58 -1.74
CA ALA A 419 0.27 10.30 -1.06
C ALA A 419 -0.56 9.37 -1.96
N GLY A 420 -0.15 8.12 -2.03
CA GLY A 420 -0.94 7.08 -2.62
C GLY A 420 -1.15 6.00 -1.57
N TRP A 421 -2.42 5.63 -1.36
CA TRP A 421 -2.76 4.50 -0.47
C TRP A 421 -3.35 3.38 -1.32
N HIS A 422 -2.71 2.21 -1.22
CA HIS A 422 -3.12 0.99 -1.90
C HIS A 422 -3.66 0.03 -0.83
N ALA A 423 -4.81 -0.56 -1.13
CA ALA A 423 -5.53 -1.45 -0.24
C ALA A 423 -4.60 -2.56 0.28
N ASP A 424 -4.67 -2.78 1.60
CA ASP A 424 -3.97 -3.89 2.27
C ASP A 424 -4.80 -5.17 2.21
N TYR A 425 -6.10 -5.03 2.00
CA TYR A 425 -7.04 -6.13 1.84
C TYR A 425 -8.30 -5.57 1.18
N ASN A 426 -9.09 -6.42 0.51
CA ASN A 426 -10.16 -5.91 -0.35
C ASN A 426 -11.44 -5.68 0.45
N GLN A 427 -11.41 -4.75 1.41
CA GLN A 427 -12.59 -4.34 2.18
C GLN A 427 -12.35 -2.90 2.66
N ALA A 428 -13.46 -2.13 2.78
CA ALA A 428 -13.43 -0.64 2.91
C ALA A 428 -12.62 -0.14 4.11
N THR A 429 -12.52 -0.91 5.20
CA THR A 429 -11.78 -0.45 6.38
C THR A 429 -10.28 -0.34 6.11
N THR A 430 -9.76 -0.93 5.03
CA THR A 430 -8.31 -0.71 4.74
C THR A 430 -8.05 0.79 4.52
N PHE A 431 -9.04 1.50 4.01
CA PHE A 431 -9.00 2.99 3.84
C PHE A 431 -9.53 3.69 5.09
N GLY A 432 -10.68 3.24 5.59
CA GLY A 432 -11.31 3.91 6.76
C GLY A 432 -10.42 3.94 7.99
N ASN A 433 -9.66 2.86 8.22
CA ASN A 433 -8.83 2.71 9.42
C ASN A 433 -7.66 3.71 9.42
N TYR A 434 -7.24 4.15 8.23
CA TYR A 434 -6.10 5.06 8.04
C TYR A 434 -6.26 6.34 8.88
N PHE A 435 -7.47 6.87 8.97
CA PHE A 435 -7.72 8.18 9.54
C PHE A 435 -8.27 8.09 10.97
N LEU A 436 -8.27 6.90 11.57
CA LEU A 436 -8.47 6.81 13.02
C LEU A 436 -7.43 7.68 13.74
N SER A 437 -7.85 8.33 14.83
CA SER A 437 -7.04 9.31 15.56
C SER A 437 -5.74 8.69 16.00
N ASN A 438 -5.78 7.41 16.39
CA ASN A 438 -4.67 6.73 16.97
C ASN A 438 -3.99 5.78 15.96
N SER A 439 -4.32 5.84 14.67
CA SER A 439 -3.70 4.92 13.65
C SER A 439 -2.23 5.29 13.40
N SER A 440 -1.33 4.30 13.49
CA SER A 440 0.09 4.48 13.17
C SER A 440 0.31 4.83 11.68
N ASN A 441 -0.70 4.66 10.82
CA ASN A 441 -0.60 4.98 9.39
C ASN A 441 -1.02 6.44 9.14
N ASN A 442 -1.58 7.13 10.16
CA ASN A 442 -2.21 8.46 10.00
C ASN A 442 -1.13 9.55 9.98
N THR A 443 -0.45 9.75 8.84
CA THR A 443 0.64 10.77 8.78
C THR A 443 0.09 12.19 8.55
N ALA A 444 -1.20 12.29 8.25
CA ALA A 444 -1.94 13.54 8.14
C ALA A 444 -2.16 14.21 9.50
N LYS A 445 -2.06 13.44 10.59
CA LYS A 445 -2.31 13.89 11.97
C LYS A 445 -3.77 14.38 12.07
N TYR A 446 -4.65 13.71 11.32
CA TYR A 446 -6.07 13.96 11.39
C TYR A 446 -6.63 13.27 12.64
N ALA A 447 -7.44 14.00 13.42
CA ALA A 447 -8.09 13.42 14.64
C ALA A 447 -9.47 14.04 14.83
N ASN A 448 -10.53 13.26 14.68
CA ASN A 448 -11.86 13.68 15.02
C ASN A 448 -12.51 12.55 15.81
N PRO A 449 -12.89 12.75 17.09
CA PRO A 449 -13.50 11.67 17.86
C PRO A 449 -14.77 11.13 17.19
N GLU A 450 -15.47 11.98 16.43
CA GLU A 450 -16.70 11.58 15.75
C GLU A 450 -16.41 10.63 14.60
N TYR A 451 -15.28 10.82 13.91
CA TYR A 451 -14.80 9.87 12.89
C TYR A 451 -14.53 8.49 13.53
N ASP A 452 -13.76 8.48 14.62
CA ASP A 452 -13.45 7.27 15.33
C ASP A 452 -14.73 6.57 15.79
N LYS A 453 -15.73 7.35 16.27
CA LYS A 453 -17.00 6.77 16.70
C LYS A 453 -17.78 6.17 15.53
N ALA A 454 -17.83 6.82 14.36
CA ALA A 454 -18.57 6.25 13.24
C ALA A 454 -17.91 4.92 12.82
N MET A 455 -16.58 4.88 12.82
CA MET A 455 -15.86 3.66 12.47
C MET A 455 -16.14 2.55 13.51
N ALA A 456 -16.17 2.90 14.79
CA ALA A 456 -16.42 1.90 15.85
C ALA A 456 -17.81 1.28 15.70
N GLU A 457 -18.77 2.03 15.15
CA GLU A 457 -20.14 1.52 14.97
C GLU A 457 -20.15 0.32 14.01
N SER A 458 -19.17 0.21 13.09
CA SER A 458 -19.14 -0.87 12.13
C SER A 458 -19.07 -2.27 12.80
N TYR A 459 -18.43 -2.38 13.96
CA TYR A 459 -18.26 -3.66 14.67
C TYR A 459 -19.54 -4.11 15.39
N ALA A 460 -20.46 -3.18 15.59
CA ALA A 460 -21.77 -3.46 16.15
C ALA A 460 -22.73 -3.88 15.04
N ALA A 461 -22.35 -3.66 13.77
CA ALA A 461 -23.15 -4.15 12.67
C ALA A 461 -23.07 -5.68 12.62
N THR A 462 -24.16 -6.27 12.12
CA THR A 462 -24.35 -7.71 12.02
C THR A 462 -24.22 -8.14 10.56
N ASP A 463 -24.11 -7.19 9.64
CA ASP A 463 -24.13 -7.52 8.21
C ASP A 463 -23.45 -6.40 7.40
N ALA A 464 -23.32 -6.65 6.09
CA ALA A 464 -22.53 -5.82 5.22
C ALA A 464 -23.16 -4.43 5.08
N GLU A 465 -24.50 -4.39 5.02
CA GLU A 465 -25.21 -3.14 4.84
C GLU A 465 -24.94 -2.23 6.04
N GLY A 466 -25.04 -2.78 7.24
CA GLY A 466 -24.72 -2.11 8.47
C GLY A 466 -23.30 -1.54 8.50
N ARG A 467 -22.33 -2.35 8.06
CA ARG A 467 -20.95 -1.95 7.98
C ARG A 467 -20.79 -0.81 6.97
N ALA A 468 -21.36 -1.01 5.77
CA ALA A 468 -21.25 -0.07 4.68
C ALA A 468 -21.83 1.29 5.06
N LYS A 469 -22.89 1.27 5.86
CA LYS A 469 -23.51 2.52 6.32
C LYS A 469 -22.58 3.26 7.29
N ALA A 470 -21.90 2.56 8.19
CA ALA A 470 -20.95 3.18 9.15
C ALA A 470 -19.76 3.80 8.41
N TYR A 471 -19.29 3.13 7.35
CA TYR A 471 -18.12 3.62 6.59
C TYR A 471 -18.53 4.87 5.79
N ALA A 472 -19.76 4.89 5.26
CA ALA A 472 -20.34 6.08 4.58
C ALA A 472 -20.39 7.28 5.52
N LYS A 473 -20.74 7.05 6.79
CA LYS A 473 -20.83 8.16 7.76
C LYS A 473 -19.42 8.65 8.10
N ALA A 474 -18.48 7.71 8.19
CA ALA A 474 -17.08 8.05 8.48
C ALA A 474 -16.49 8.96 7.38
N GLU A 475 -16.64 8.54 6.11
CA GLU A 475 -16.15 9.31 5.00
C GLU A 475 -16.82 10.69 4.94
N GLU A 476 -18.09 10.79 5.34
CA GLU A 476 -18.81 12.07 5.34
C GLU A 476 -18.14 13.04 6.32
N ILE A 477 -17.76 12.54 7.50
CA ILE A 477 -17.13 13.36 8.52
C ILE A 477 -15.75 13.85 8.04
N LEU A 478 -14.95 12.90 7.54
CA LEU A 478 -13.64 13.20 7.00
C LEU A 478 -13.76 14.24 5.87
N GLY A 479 -14.80 14.10 5.04
CA GLY A 479 -15.03 15.02 3.95
C GLY A 479 -15.38 16.42 4.43
N LYS A 480 -16.25 16.53 5.43
CA LYS A 480 -16.64 17.86 5.99
C LYS A 480 -15.46 18.51 6.71
N ASP A 481 -14.49 17.73 7.20
CA ASP A 481 -13.31 18.32 7.78
C ASP A 481 -12.24 18.68 6.74
N TYR A 482 -12.40 18.24 5.49
CA TYR A 482 -11.38 18.44 4.43
C TYR A 482 -9.99 17.99 4.91
N GLY A 483 -9.92 16.79 5.50
CA GLY A 483 -8.72 16.29 6.12
C GLY A 483 -7.59 16.14 5.12
N ILE A 484 -7.94 15.77 3.89
CA ILE A 484 -6.93 15.65 2.83
C ILE A 484 -7.50 16.20 1.52
N VAL A 485 -6.70 16.12 0.44
CA VAL A 485 -7.16 16.42 -0.94
C VAL A 485 -7.06 15.18 -1.82
N PRO A 486 -8.12 14.35 -1.88
CA PRO A 486 -8.13 13.19 -2.76
C PRO A 486 -8.17 13.64 -4.22
N ILE A 487 -7.49 12.91 -5.10
CA ILE A 487 -7.40 13.34 -6.48
C ILE A 487 -8.00 12.29 -7.43
N PHE A 488 -7.45 11.06 -7.40
CA PHE A 488 -7.96 10.03 -8.30
C PHE A 488 -7.79 8.62 -7.73
N ASN A 489 -8.58 7.71 -8.31
CA ASN A 489 -8.42 6.31 -8.07
C ASN A 489 -7.54 5.71 -9.16
N TYR A 490 -6.64 4.83 -8.74
CA TYR A 490 -5.55 4.38 -9.52
C TYR A 490 -5.97 3.39 -10.60
N VAL A 491 -5.25 3.47 -11.72
CA VAL A 491 -5.05 2.31 -12.57
C VAL A 491 -3.56 2.03 -12.49
N ASN A 492 -3.14 0.85 -12.87
CA ASN A 492 -1.73 0.54 -12.68
C ASN A 492 -1.22 0.17 -14.05
N PRO A 493 -0.77 1.14 -14.87
CA PRO A 493 -0.24 0.81 -16.19
C PRO A 493 1.16 0.22 -16.08
N ARG A 494 1.40 -0.89 -16.77
CA ARG A 494 2.67 -1.53 -16.83
C ARG A 494 2.91 -2.07 -18.22
N LEU A 495 4.19 -2.12 -18.60
CA LEU A 495 4.58 -2.92 -19.71
C LEU A 495 5.10 -4.26 -19.17
N VAL A 496 4.67 -5.33 -19.85
CA VAL A 496 5.09 -6.70 -19.55
C VAL A 496 5.47 -7.41 -20.85
N LYS A 497 6.67 -8.00 -20.90
CA LYS A 497 7.14 -8.62 -22.15
C LYS A 497 6.25 -9.81 -22.55
N PRO A 498 6.08 -10.07 -23.86
CA PRO A 498 5.20 -11.15 -24.30
C PRO A 498 5.63 -12.56 -23.85
N TYR A 499 6.92 -12.75 -23.58
CA TYR A 499 7.45 -14.04 -23.07
C TYR A 499 7.26 -14.20 -21.55
N VAL A 500 6.79 -13.15 -20.87
CA VAL A 500 6.44 -13.22 -19.44
C VAL A 500 4.97 -13.62 -19.25
N LYS A 501 4.77 -14.72 -18.54
CA LYS A 501 3.44 -15.25 -18.25
C LYS A 501 3.20 -15.30 -16.73
N GLY A 502 1.94 -15.22 -16.33
CA GLY A 502 1.50 -15.29 -14.97
C GLY A 502 1.16 -13.92 -14.39
N TYR A 503 1.23 -12.87 -15.20
CA TYR A 503 0.76 -11.57 -14.79
C TYR A 503 -0.61 -11.35 -15.45
N SER A 504 -1.65 -11.12 -14.64
CA SER A 504 -3.03 -11.22 -15.12
C SER A 504 -3.55 -9.85 -15.62
N GLY A 505 -3.22 -8.78 -14.89
CA GLY A 505 -3.86 -7.54 -15.11
C GLY A 505 -5.21 -7.43 -14.43
N LYS A 506 -5.54 -8.38 -13.54
CA LYS A 506 -6.85 -8.44 -12.90
C LYS A 506 -6.77 -8.43 -11.37
N ASP A 507 -5.56 -8.40 -10.78
CA ASP A 507 -5.36 -8.38 -9.31
C ASP A 507 -5.62 -6.95 -8.84
N PRO A 508 -6.67 -6.68 -8.04
CA PRO A 508 -6.94 -5.30 -7.62
C PRO A 508 -5.91 -4.68 -6.66
N GLN A 509 -5.01 -5.49 -6.07
CA GLN A 509 -3.90 -4.98 -5.27
C GLN A 509 -2.63 -4.94 -6.12
N ASP A 510 -2.66 -5.55 -7.31
CA ASP A 510 -1.55 -5.60 -8.32
C ASP A 510 -0.22 -6.06 -7.67
N HIS A 511 -0.25 -7.14 -6.89
CA HIS A 511 0.95 -7.72 -6.27
C HIS A 511 1.70 -8.45 -7.36
N ILE A 512 3.03 -8.47 -7.27
CA ILE A 512 3.79 -9.42 -8.09
C ILE A 512 4.55 -10.39 -7.19
N TYR A 513 4.13 -11.66 -7.23
CA TYR A 513 4.87 -12.79 -6.68
C TYR A 513 5.68 -13.49 -7.77
N LEU A 514 6.99 -13.61 -7.56
CA LEU A 514 7.82 -14.24 -8.51
C LEU A 514 7.37 -15.68 -8.72
N ARG A 515 6.90 -16.32 -7.63
CA ARG A 515 6.49 -17.70 -7.73
C ARG A 515 5.26 -17.88 -8.63
N ASN A 516 4.56 -16.82 -9.02
CA ASN A 516 3.40 -16.92 -9.94
C ASN A 516 3.81 -16.74 -11.41
N LEU A 517 5.10 -16.46 -11.72
CA LEU A 517 5.47 -16.12 -13.09
C LEU A 517 6.23 -17.27 -13.76
N TYR A 518 6.26 -17.26 -15.10
CA TYR A 518 7.13 -18.14 -15.87
C TYR A 518 7.45 -17.50 -17.22
N ILE A 519 8.58 -17.89 -17.78
CA ILE A 519 9.10 -17.40 -19.07
C ILE A 519 8.87 -18.49 -20.11
N ILE A 520 8.16 -18.14 -21.18
CA ILE A 520 7.92 -19.09 -22.27
C ILE A 520 8.98 -18.93 -23.35
N LYS A 521 9.09 -19.96 -24.19
CA LYS A 521 10.18 -20.08 -25.14
C LYS A 521 9.83 -19.36 -26.46
N HIS A 522 8.59 -19.50 -26.96
CA HIS A 522 8.31 -19.17 -28.41
C HIS A 522 7.51 -17.87 -28.63
N LEU B 1 -0.90 0.18 2.10
CA LEU B 1 0.55 0.41 1.75
C LEU B 1 0.66 1.76 1.04
N GLY B 2 1.70 2.53 1.39
CA GLY B 2 2.06 3.76 0.72
C GLY B 2 2.71 3.42 -0.62
N GLY B 3 2.23 4.01 -1.71
CA GLY B 3 2.78 3.70 -3.05
C GLY B 3 2.95 4.95 -3.89
C ACT C . -19.84 33.82 3.47
O ACT C . -20.13 33.19 4.50
OXT ACT C . -18.69 33.78 3.00
CH3 ACT C . -20.89 34.67 2.83
C ACT D . -7.81 -27.93 17.23
O ACT D . -8.85 -28.63 17.39
OXT ACT D . -7.83 -26.82 16.63
CH3 ACT D . -6.52 -28.43 17.81
C ACT E . -20.18 -4.37 -1.82
O ACT E . -20.58 -4.84 -0.74
OXT ACT E . -20.41 -3.18 -2.15
CH3 ACT E . -19.40 -5.29 -2.72
S SO4 F . 23.37 -6.00 3.65
O1 SO4 F . 22.29 -6.96 3.94
O2 SO4 F . 24.62 -6.58 4.18
O3 SO4 F . 23.41 -5.87 2.17
O4 SO4 F . 23.09 -4.73 4.36
S SO4 G . 21.72 -19.67 3.54
O1 SO4 G . 22.30 -20.26 2.31
O2 SO4 G . 21.70 -20.75 4.57
O3 SO4 G . 20.38 -19.08 3.28
O4 SO4 G . 22.54 -18.52 3.98
#